data_3B30
#
_entry.id   3B30
#
_cell.length_a   123.219
_cell.length_b   123.219
_cell.length_c   81.308
_cell.angle_alpha   90.00
_cell.angle_beta   90.00
_cell.angle_gamma   90.00
#
_symmetry.space_group_name_H-M   'P 4 21 2'
#
loop_
_entity.id
_entity.type
_entity.pdbx_description
1 polymer 'Trichothecene 3-O-acetyltransferase'
2 non-polymer 'Ethyl Coenzyme A'
3 non-polymer '3[N-MORPHOLINO]PROPANE SULFONIC ACID'
4 water water
#
_entity_poly.entity_id   1
_entity_poly.type   'polypeptide(L)'
_entity_poly.pdbx_seq_one_letter_code
;MAFKIQLDTLGQLPGLLSIYTQISLLYPVSDSSQYPTIVSTFEQGLKRFSEAVPWVAGQVKAEGISEGNTGTSFIVPFED
VPRVVVKDLRDDPSAPTIEGMRKAGYPMAMFDENIIAPRKTLPIGPGTGPDDPKPVILLQLNFIKGGLILTVNGQHGAMD
MVGQDAVIRLLSKACRNDPFTEEEMTAMNLDRKTIVPYLENYTIGPEVDHQIVKADVAGGDAVLTPVSASWAFFTFSPKA
MSELKDAATKTLDASTKFVSTDDALSAFIWKSASRVRLERIDGSAPTEFCRAVDARPAMGVSNNYPGLLQNMTYHNSTIG
EIANESLGATASRLRSELDPASMRQRTRGLATYLHNNPDKSNVSLTADADPSTSVMLSSWAKVGLWDYDFGLGLGKPETV
RRPIFEPVESLMYFMPKKPDGEFCAALSLRDEDMDRLKADKEWTKYAQYVG
;
_entity_poly.pdbx_strand_id   A
#
# COMPACT_ATOMS: atom_id res chain seq x y z
N MET A 1 13.80 2.27 -29.04
CA MET A 1 12.64 2.72 -28.19
C MET A 1 13.16 3.45 -26.93
N ALA A 2 12.66 4.66 -26.73
CA ALA A 2 13.07 5.51 -25.66
C ALA A 2 11.75 6.06 -25.14
N PHE A 3 11.78 6.60 -23.93
CA PHE A 3 10.61 7.15 -23.31
C PHE A 3 11.13 8.01 -22.19
N LYS A 4 10.36 9.03 -21.88
CA LYS A 4 10.71 9.94 -20.80
C LYS A 4 9.39 10.42 -20.25
N ILE A 5 8.86 9.60 -19.35
CA ILE A 5 7.52 9.80 -18.83
C ILE A 5 7.62 10.47 -17.48
N GLN A 6 7.17 11.70 -17.43
CA GLN A 6 7.17 12.45 -16.17
C GLN A 6 6.26 11.76 -15.18
N LEU A 7 6.73 11.62 -13.95
CA LEU A 7 5.89 11.03 -12.91
C LEU A 7 4.63 11.87 -12.75
N ASP A 8 3.59 11.24 -12.20
CA ASP A 8 2.45 11.96 -11.65
C ASP A 8 2.97 13.06 -10.72
N THR A 9 2.34 14.22 -10.77
CA THR A 9 2.70 15.29 -9.83
C THR A 9 2.68 14.82 -8.37
N LEU A 10 1.65 14.05 -8.02
CA LEU A 10 1.52 13.45 -6.70
C LEU A 10 2.66 12.49 -6.36
N GLY A 11 3.23 11.84 -7.38
CA GLY A 11 4.38 10.98 -7.18
C GLY A 11 5.70 11.75 -7.01
N GLN A 12 5.67 13.08 -7.13
CA GLN A 12 6.86 13.85 -6.79
C GLN A 12 6.95 14.07 -5.26
N LEU A 13 5.96 13.64 -4.47
CA LEU A 13 5.95 13.78 -2.98
C LEU A 13 7.09 12.98 -2.31
N PRO A 14 8.04 13.55 -1.54
CA PRO A 14 9.31 13.07 -1.01
C PRO A 14 9.20 11.64 -0.50
N GLY A 15 8.07 11.50 0.39
CA GLY A 15 7.87 10.27 1.15
C GLY A 15 7.45 9.08 0.31
N LEU A 16 6.91 9.36 -0.89
CA LEU A 16 6.51 8.31 -1.85
C LEU A 16 7.69 8.00 -2.78
N LEU A 17 8.30 9.06 -3.27
CA LEU A 17 9.71 9.10 -3.68
C LEU A 17 10.72 7.98 -3.39
N SER A 18 11.14 7.78 -2.13
CA SER A 18 12.33 6.93 -1.80
C SER A 18 12.03 5.49 -1.35
N ILE A 19 10.78 5.12 -1.53
CA ILE A 19 10.20 3.91 -0.99
C ILE A 19 9.86 2.91 -2.12
N TYR A 20 10.05 1.62 -1.83
CA TYR A 20 9.43 0.52 -2.58
C TYR A 20 8.27 -0.15 -1.84
N THR A 21 7.14 -0.27 -2.54
CA THR A 21 6.01 -1.10 -2.08
C THR A 21 6.18 -2.57 -2.41
N GLN A 22 6.12 -3.44 -1.39
CA GLN A 22 6.30 -4.87 -1.62
C GLN A 22 5.02 -5.63 -1.37
N ILE A 23 4.83 -6.71 -2.13
CA ILE A 23 3.74 -7.65 -1.89
C ILE A 23 4.22 -9.05 -2.30
N SER A 24 3.87 -10.06 -1.49
CA SER A 24 4.26 -11.45 -1.75
C SER A 24 3.02 -12.33 -1.95
N LEU A 25 3.09 -13.18 -2.97
CA LEU A 25 2.08 -14.18 -3.30
C LEU A 25 2.71 -15.57 -3.11
N LEU A 26 2.04 -16.39 -2.30
CA LEU A 26 2.52 -17.73 -1.98
C LEU A 26 1.71 -18.74 -2.74
N TYR A 27 2.38 -19.64 -3.45
CA TYR A 27 1.76 -20.77 -4.12
C TYR A 27 2.39 -22.06 -3.64
N PRO A 28 1.58 -23.14 -3.49
CA PRO A 28 2.16 -24.46 -3.26
C PRO A 28 2.76 -25.01 -4.56
N VAL A 29 3.83 -25.78 -4.40
CA VAL A 29 4.48 -26.42 -5.53
C VAL A 29 4.64 -27.88 -5.16
N SER A 30 3.95 -28.73 -5.91
CA SER A 30 3.83 -30.16 -5.64
C SER A 30 5.19 -30.88 -5.72
N ASP A 31 5.95 -30.55 -6.76
CA ASP A 31 7.18 -31.27 -7.07
C ASP A 31 8.21 -30.26 -7.54
N SER A 32 9.44 -30.36 -7.01
CA SER A 32 10.56 -29.52 -7.46
C SER A 32 10.86 -29.65 -8.96
N SER A 33 10.36 -30.71 -9.59
CA SER A 33 10.47 -30.81 -11.06
C SER A 33 9.83 -29.62 -11.78
N GLN A 34 8.95 -28.90 -11.09
CA GLN A 34 8.20 -27.82 -11.73
C GLN A 34 8.95 -26.48 -11.81
N TYR A 35 10.01 -26.31 -11.02
CA TYR A 35 10.64 -24.98 -10.92
C TYR A 35 11.20 -24.40 -12.22
N PRO A 36 11.94 -25.22 -13.01
CA PRO A 36 12.51 -24.61 -14.24
C PRO A 36 11.43 -24.00 -15.17
N THR A 37 10.31 -24.70 -15.33
CA THR A 37 9.18 -24.17 -16.14
C THR A 37 8.54 -22.95 -15.51
N ILE A 38 8.44 -22.95 -14.18
CA ILE A 38 7.96 -21.75 -13.47
C ILE A 38 8.78 -20.53 -13.88
N VAL A 39 10.11 -20.66 -13.77
CA VAL A 39 11.03 -19.58 -14.11
C VAL A 39 10.99 -19.17 -15.57
N SER A 40 11.03 -20.14 -16.49
CA SER A 40 11.01 -19.76 -17.92
C SER A 40 9.66 -19.13 -18.34
N THR A 41 8.57 -19.59 -17.75
CA THR A 41 7.25 -19.00 -18.05
C THR A 41 7.24 -17.55 -17.57
N PHE A 42 7.79 -17.35 -16.37
CA PHE A 42 7.82 -16.04 -15.79
C PHE A 42 8.73 -15.10 -16.56
N GLU A 43 9.91 -15.58 -16.94
CA GLU A 43 10.80 -14.89 -17.85
C GLU A 43 10.21 -14.42 -19.16
N GLN A 44 9.54 -15.35 -19.84
N GLN A 44 9.51 -15.35 -19.87
CA GLN A 44 8.93 -15.13 -21.10
CA GLN A 44 8.93 -15.06 -21.14
C GLN A 44 7.79 -14.04 -21.01
C GLN A 44 7.76 -14.04 -21.04
N GLY A 45 7.05 -14.12 -19.92
CA GLY A 45 6.03 -13.16 -19.56
C GLY A 45 6.58 -11.76 -19.39
N LEU A 46 7.63 -11.63 -18.60
CA LEU A 46 8.32 -10.33 -18.45
C LEU A 46 8.81 -9.77 -19.79
N LYS A 47 9.34 -10.65 -20.65
CA LYS A 47 9.81 -10.17 -21.95
C LYS A 47 8.64 -9.69 -22.85
N ARG A 48 7.59 -10.51 -22.91
CA ARG A 48 6.37 -10.12 -23.63
C ARG A 48 5.76 -8.81 -23.11
N PHE A 49 5.73 -8.68 -21.80
CA PHE A 49 5.18 -7.47 -21.19
C PHE A 49 5.99 -6.24 -21.60
N SER A 50 7.32 -6.34 -21.51
CA SER A 50 8.26 -5.27 -21.90
C SER A 50 8.18 -4.93 -23.39
N GLU A 51 7.95 -5.93 -24.23
CA GLU A 51 7.74 -5.65 -25.66
C GLU A 51 6.47 -4.83 -25.92
N ALA A 52 5.38 -5.17 -25.22
CA ALA A 52 4.13 -4.43 -25.34
C ALA A 52 4.17 -3.04 -24.70
N VAL A 53 4.78 -2.92 -23.52
CA VAL A 53 4.80 -1.67 -22.76
C VAL A 53 6.22 -1.47 -22.24
N PRO A 54 7.11 -0.92 -23.11
CA PRO A 54 8.55 -0.81 -22.77
C PRO A 54 8.90 -0.12 -21.43
N TRP A 55 8.09 0.85 -21.00
CA TRP A 55 8.44 1.63 -19.81
C TRP A 55 8.42 0.79 -18.53
N VAL A 56 7.76 -0.36 -18.53
CA VAL A 56 7.72 -1.19 -17.31
C VAL A 56 9.12 -1.72 -16.95
N ALA A 57 10.02 -1.77 -17.96
CA ALA A 57 11.42 -2.12 -17.74
C ALA A 57 12.35 -0.93 -17.40
N GLY A 58 11.78 0.28 -17.31
CA GLY A 58 12.53 1.51 -17.06
C GLY A 58 12.93 1.73 -15.59
N GLN A 59 13.39 2.94 -15.29
CA GLN A 59 13.83 3.33 -13.94
C GLN A 59 13.28 4.72 -13.71
N VAL A 60 13.14 5.11 -12.44
CA VAL A 60 12.70 6.47 -12.10
C VAL A 60 13.96 7.31 -11.87
N LYS A 61 14.07 8.44 -12.56
CA LYS A 61 15.29 9.26 -12.48
C LYS A 61 14.92 10.71 -12.28
N ALA A 62 15.45 11.30 -11.20
CA ALA A 62 15.28 12.72 -10.94
C ALA A 62 16.30 13.56 -11.69
N GLU A 63 15.88 14.78 -12.04
CA GLU A 63 16.73 15.78 -12.64
C GLU A 63 16.33 17.16 -12.14
N GLY A 64 17.19 18.15 -12.39
CA GLY A 64 16.94 19.55 -12.01
C GLY A 64 16.96 19.82 -10.52
N ILE A 65 17.63 18.94 -9.77
CA ILE A 65 17.77 19.11 -8.33
C ILE A 65 18.82 20.20 -8.05
N SER A 66 18.43 21.13 -7.19
CA SER A 66 19.38 22.11 -6.65
C SER A 66 18.91 22.58 -5.27
N GLU A 67 19.59 23.58 -4.71
CA GLU A 67 19.21 24.15 -3.42
C GLU A 67 17.79 24.71 -3.57
N GLY A 68 16.88 24.31 -2.68
CA GLY A 68 15.44 24.64 -2.87
C GLY A 68 14.74 24.33 -4.22
N ASN A 69 15.24 23.35 -4.97
CA ASN A 69 14.46 22.70 -6.06
C ASN A 69 14.71 21.21 -5.94
N THR A 70 13.68 20.49 -5.55
CA THR A 70 13.81 19.10 -5.17
C THR A 70 13.74 18.20 -6.39
N GLY A 71 13.56 18.82 -7.55
CA GLY A 71 13.66 18.15 -8.84
C GLY A 71 12.37 17.65 -9.42
N THR A 72 12.48 17.01 -10.58
CA THR A 72 11.35 16.36 -11.24
C THR A 72 11.85 15.01 -11.72
N SER A 73 11.06 13.96 -11.46
CA SER A 73 11.44 12.61 -11.84
C SER A 73 10.66 12.10 -13.03
N PHE A 74 11.28 11.18 -13.76
CA PHE A 74 10.73 10.72 -15.03
C PHE A 74 11.02 9.23 -15.07
N ILE A 75 10.15 8.48 -15.71
CA ILE A 75 10.46 7.09 -16.03
C ILE A 75 11.24 7.07 -17.36
N VAL A 76 12.44 6.49 -17.34
CA VAL A 76 13.33 6.54 -18.50
C VAL A 76 13.93 5.15 -18.69
N PRO A 77 14.49 4.87 -19.87
CA PRO A 77 15.01 3.50 -20.08
C PRO A 77 16.05 3.05 -19.04
N PHE A 78 16.09 1.74 -18.80
CA PHE A 78 16.99 1.15 -17.82
C PHE A 78 17.54 -0.14 -18.41
N GLU A 79 16.79 -1.23 -18.30
CA GLU A 79 17.21 -2.49 -18.90
C GLU A 79 16.15 -3.03 -19.86
N ASP A 80 16.48 -4.09 -20.60
CA ASP A 80 15.56 -4.64 -21.63
C ASP A 80 14.25 -5.17 -21.03
N VAL A 81 14.33 -5.82 -19.88
CA VAL A 81 13.17 -6.37 -19.16
C VAL A 81 13.28 -5.98 -17.68
N PRO A 82 12.15 -6.02 -16.93
CA PRO A 82 12.27 -5.79 -15.48
C PRO A 82 13.12 -6.91 -14.87
N ARG A 83 13.92 -6.60 -13.86
CA ARG A 83 14.80 -7.61 -13.25
C ARG A 83 14.03 -8.59 -12.38
N VAL A 84 14.21 -9.90 -12.61
CA VAL A 84 13.77 -10.91 -11.63
C VAL A 84 14.97 -11.59 -11.01
N VAL A 85 14.94 -11.76 -9.70
CA VAL A 85 15.94 -12.50 -8.94
C VAL A 85 15.31 -13.86 -8.62
N VAL A 86 16.06 -14.93 -8.82
CA VAL A 86 15.60 -16.27 -8.45
C VAL A 86 16.45 -16.73 -7.29
N LYS A 87 15.79 -17.08 -6.18
CA LYS A 87 16.47 -17.52 -4.96
C LYS A 87 15.96 -18.89 -4.57
N ASP A 88 16.86 -19.86 -4.45
CA ASP A 88 16.47 -21.18 -3.97
C ASP A 88 16.66 -21.30 -2.44
N LEU A 89 15.55 -21.31 -1.71
CA LEU A 89 15.57 -21.41 -0.25
C LEU A 89 15.16 -22.78 0.26
N ARG A 90 15.00 -23.78 -0.61
CA ARG A 90 14.50 -25.11 -0.18
C ARG A 90 15.37 -25.74 0.90
N ASP A 91 16.67 -25.47 0.86
CA ASP A 91 17.59 -26.12 1.78
C ASP A 91 18.20 -25.16 2.77
N ASP A 92 17.64 -23.95 2.84
CA ASP A 92 18.05 -22.91 3.80
C ASP A 92 17.24 -23.08 5.08
N PRO A 93 17.91 -23.48 6.19
CA PRO A 93 17.16 -23.76 7.44
C PRO A 93 16.56 -22.51 8.10
N SER A 94 16.97 -21.32 7.69
CA SER A 94 16.37 -20.09 8.22
C SER A 94 15.15 -19.61 7.39
N ALA A 95 14.89 -20.28 6.26
CA ALA A 95 13.80 -19.90 5.35
C ALA A 95 12.47 -20.52 5.77
N PRO A 96 11.34 -19.89 5.39
CA PRO A 96 10.05 -20.54 5.64
C PRO A 96 9.82 -21.75 4.74
N THR A 97 8.89 -22.60 5.13
CA THR A 97 8.53 -23.77 4.37
C THR A 97 7.03 -23.63 4.18
N ILE A 98 6.45 -24.30 3.21
CA ILE A 98 4.98 -24.27 3.05
C ILE A 98 4.23 -24.80 4.29
N GLU A 99 4.76 -25.86 4.91
CA GLU A 99 4.09 -26.41 6.10
C GLU A 99 4.24 -25.49 7.32
N GLY A 100 5.36 -24.80 7.42
CA GLY A 100 5.60 -23.84 8.51
C GLY A 100 4.65 -22.65 8.41
N MET A 101 4.52 -22.16 7.18
CA MET A 101 3.56 -21.12 6.83
C MET A 101 2.14 -21.50 7.18
N ARG A 102 1.72 -22.68 6.74
CA ARG A 102 0.36 -23.16 6.97
C ARG A 102 0.08 -23.30 8.46
N LYS A 103 1.02 -23.87 9.20
CA LYS A 103 0.82 -24.10 10.63
C LYS A 103 0.71 -22.78 11.40
N ALA A 104 1.54 -21.79 11.02
CA ALA A 104 1.53 -20.50 11.70
C ALA A 104 0.51 -19.51 11.11
N GLY A 105 -0.19 -19.93 10.05
CA GLY A 105 -1.21 -19.08 9.42
C GLY A 105 -0.68 -17.87 8.68
N TYR A 106 0.47 -18.05 8.01
CA TYR A 106 1.10 -17.03 7.14
C TYR A 106 1.46 -15.72 7.83
N PRO A 107 2.29 -15.80 8.90
CA PRO A 107 2.64 -14.60 9.65
C PRO A 107 3.56 -13.70 8.86
N MET A 108 3.47 -12.39 9.14
CA MET A 108 4.32 -11.40 8.46
C MET A 108 5.80 -11.69 8.70
N ALA A 109 6.11 -12.27 9.86
CA ALA A 109 7.51 -12.54 10.22
C ALA A 109 8.16 -13.58 9.29
N MET A 110 7.34 -14.43 8.69
CA MET A 110 7.84 -15.42 7.73
C MET A 110 8.05 -14.88 6.30
N PHE A 111 7.73 -13.59 6.09
CA PHE A 111 7.94 -12.91 4.79
C PHE A 111 8.97 -11.82 5.04
N ASP A 112 10.20 -12.22 5.36
CA ASP A 112 11.24 -11.26 5.73
C ASP A 112 11.75 -10.64 4.44
N GLU A 113 11.60 -9.32 4.31
CA GLU A 113 11.96 -8.60 3.07
C GLU A 113 13.44 -8.85 2.72
N ASN A 114 14.28 -9.08 3.73
CA ASN A 114 15.70 -9.31 3.44
C ASN A 114 15.96 -10.65 2.79
N ILE A 115 15.04 -11.60 2.99
CA ILE A 115 15.17 -12.95 2.45
C ILE A 115 14.34 -13.13 1.16
N ILE A 116 13.13 -12.56 1.12
CA ILE A 116 12.20 -12.89 0.02
C ILE A 116 11.87 -11.72 -0.94
N ALA A 117 12.45 -10.54 -0.69
CA ALA A 117 12.23 -9.39 -1.57
C ALA A 117 13.52 -8.97 -2.29
N PRO A 118 13.40 -8.41 -3.53
CA PRO A 118 14.58 -8.03 -4.30
C PRO A 118 15.26 -6.71 -3.85
N ARG A 119 14.56 -5.92 -3.03
CA ARG A 119 15.09 -4.66 -2.52
C ARG A 119 14.27 -4.29 -1.29
N LYS A 120 14.87 -3.60 -0.33
CA LYS A 120 14.16 -3.19 0.89
C LYS A 120 13.08 -2.13 0.61
N THR A 121 12.08 -2.06 1.49
CA THR A 121 11.07 -1.03 1.44
C THR A 121 11.68 0.38 1.55
N LEU A 122 12.53 0.54 2.56
CA LEU A 122 13.04 1.84 2.93
C LEU A 122 14.42 2.02 2.32
N PRO A 123 14.84 3.29 2.11
CA PRO A 123 16.16 3.56 1.50
C PRO A 123 17.28 3.30 2.52
N ILE A 124 17.36 2.06 2.97
CA ILE A 124 18.28 1.65 4.02
C ILE A 124 19.20 0.56 3.46
N GLY A 125 20.48 0.67 3.77
CA GLY A 125 21.44 -0.35 3.36
C GLY A 125 22.02 -0.15 1.97
N PRO A 126 22.78 -1.15 1.48
CA PRO A 126 23.49 -1.04 0.21
C PRO A 126 22.55 -0.79 -0.96
N GLY A 127 23.00 0.02 -1.91
CA GLY A 127 22.29 0.23 -3.18
C GLY A 127 21.00 1.01 -3.07
N THR A 128 20.87 1.83 -2.03
CA THR A 128 19.70 2.68 -1.86
C THR A 128 20.10 4.14 -1.87
N GLY A 129 21.30 4.42 -2.37
CA GLY A 129 21.79 5.78 -2.53
C GLY A 129 21.14 6.50 -3.68
N PRO A 130 21.18 7.85 -3.65
CA PRO A 130 20.47 8.68 -4.63
C PRO A 130 20.98 8.49 -6.06
N ASP A 131 22.23 8.08 -6.22
CA ASP A 131 22.80 7.83 -7.55
C ASP A 131 22.61 6.40 -8.02
N ASP A 132 22.12 5.54 -7.11
CA ASP A 132 21.83 4.14 -7.44
C ASP A 132 20.50 4.10 -8.21
N PRO A 133 20.40 3.23 -9.19
CA PRO A 133 19.19 3.10 -10.00
C PRO A 133 17.96 2.76 -9.19
N LYS A 134 16.83 3.28 -9.63
CA LYS A 134 15.54 2.97 -9.06
C LYS A 134 14.59 2.38 -10.11
N PRO A 135 14.74 1.10 -10.35
CA PRO A 135 13.91 0.36 -11.27
C PRO A 135 12.41 0.57 -10.98
N VAL A 136 11.61 0.72 -12.00
CA VAL A 136 10.18 0.91 -11.80
C VAL A 136 9.53 -0.30 -11.08
N ILE A 137 9.89 -1.52 -11.50
CA ILE A 137 9.46 -2.73 -10.80
C ILE A 137 10.59 -3.73 -10.68
N LEU A 138 10.57 -4.52 -9.60
CA LEU A 138 11.57 -5.55 -9.35
C LEU A 138 10.82 -6.78 -8.86
N LEU A 139 11.26 -7.95 -9.29
CA LEU A 139 10.60 -9.20 -8.93
C LEU A 139 11.56 -10.17 -8.26
N GLN A 140 11.05 -11.02 -7.36
CA GLN A 140 11.84 -12.13 -6.84
C GLN A 140 11.00 -13.40 -6.77
N LEU A 141 11.50 -14.49 -7.35
CA LEU A 141 10.91 -15.81 -7.22
C LEU A 141 11.73 -16.58 -6.18
N ASN A 142 11.08 -17.02 -5.11
CA ASN A 142 11.76 -17.74 -4.01
C ASN A 142 11.23 -19.15 -3.97
N PHE A 143 12.10 -20.14 -4.17
CA PHE A 143 11.66 -21.53 -4.05
C PHE A 143 11.74 -21.84 -2.56
N ILE A 144 10.66 -22.34 -1.97
CA ILE A 144 10.72 -22.81 -0.60
C ILE A 144 10.24 -24.26 -0.59
N LYS A 145 10.52 -24.98 0.49
CA LYS A 145 10.07 -26.34 0.54
C LYS A 145 8.55 -26.40 0.34
N GLY A 146 8.14 -27.06 -0.74
CA GLY A 146 6.76 -27.28 -1.05
C GLY A 146 6.04 -26.07 -1.63
N GLY A 147 6.78 -25.05 -2.06
CA GLY A 147 6.15 -23.82 -2.49
C GLY A 147 6.98 -22.82 -3.27
N LEU A 148 6.33 -21.68 -3.54
CA LEU A 148 6.95 -20.58 -4.24
C LEU A 148 6.42 -19.27 -3.64
N ILE A 149 7.33 -18.34 -3.34
CA ILE A 149 6.93 -17.01 -2.95
C ILE A 149 7.35 -16.06 -4.06
N LEU A 150 6.37 -15.40 -4.66
CA LEU A 150 6.64 -14.40 -5.68
C LEU A 150 6.51 -13.05 -5.00
N THR A 151 7.56 -12.24 -5.05
CA THR A 151 7.49 -10.92 -4.44
C THR A 151 7.63 -9.85 -5.54
N VAL A 152 6.75 -8.86 -5.52
CA VAL A 152 6.84 -7.75 -6.47
C VAL A 152 7.09 -6.45 -5.70
N ASN A 153 8.14 -5.75 -6.09
CA ASN A 153 8.44 -4.39 -5.60
C ASN A 153 8.08 -3.38 -6.65
N GLY A 154 7.33 -2.35 -6.24
CA GLY A 154 6.98 -1.21 -7.11
C GLY A 154 7.59 0.08 -6.59
N GLN A 155 8.27 0.82 -7.46
CA GLN A 155 8.81 2.13 -7.09
C GLN A 155 7.64 3.05 -6.73
N HIS A 156 7.61 3.56 -5.49
CA HIS A 156 6.38 4.22 -5.05
C HIS A 156 6.08 5.55 -5.72
N GLY A 157 7.07 6.26 -6.24
CA GLY A 157 6.79 7.45 -7.05
C GLY A 157 6.10 7.11 -8.38
N ALA A 158 6.38 5.92 -8.90
CA ALA A 158 5.87 5.44 -10.20
C ALA A 158 4.49 4.77 -10.06
N MET A 159 4.18 4.27 -8.88
CA MET A 159 2.92 3.56 -8.68
C MET A 159 2.43 3.52 -7.24
N ASP A 160 1.12 3.68 -7.06
CA ASP A 160 0.51 3.28 -5.76
C ASP A 160 0.13 1.80 -5.87
N MET A 161 -0.53 1.25 -4.85
CA MET A 161 -0.79 -0.16 -4.90
C MET A 161 -1.88 -0.54 -5.91
N VAL A 162 -2.80 0.37 -6.18
CA VAL A 162 -3.81 0.14 -7.23
C VAL A 162 -3.09 0.07 -8.60
N GLY A 163 -2.18 1.01 -8.82
CA GLY A 163 -1.36 1.01 -10.06
C GLY A 163 -0.45 -0.23 -10.14
N GLN A 164 0.18 -0.60 -9.02
CA GLN A 164 1.00 -1.83 -8.96
C GLN A 164 0.17 -3.10 -9.27
N ASP A 165 -1.05 -3.16 -8.74
CA ASP A 165 -1.94 -4.28 -9.04
C ASP A 165 -2.22 -4.35 -10.55
N ALA A 166 -2.49 -3.18 -11.16
CA ALA A 166 -2.79 -3.12 -12.61
C ALA A 166 -1.61 -3.64 -13.42
N VAL A 167 -0.41 -3.25 -13.01
CA VAL A 167 0.83 -3.74 -13.65
C VAL A 167 0.99 -5.26 -13.51
N ILE A 168 0.79 -5.73 -12.28
CA ILE A 168 0.91 -7.16 -11.97
C ILE A 168 -0.15 -8.01 -12.72
N ARG A 169 -1.37 -7.48 -12.76
CA ARG A 169 -2.47 -8.10 -13.50
CA ARG A 169 -2.47 -8.09 -13.51
C ARG A 169 -2.10 -8.32 -14.98
N LEU A 170 -1.51 -7.31 -15.60
CA LEU A 170 -1.06 -7.44 -17.00
C LEU A 170 0.17 -8.35 -17.13
N LEU A 171 1.04 -8.35 -16.12
CA LEU A 171 2.13 -9.32 -16.12
C LEU A 171 1.56 -10.75 -16.14
N SER A 172 0.51 -11.01 -15.37
CA SER A 172 -0.08 -12.35 -15.35
C SER A 172 -0.62 -12.74 -16.72
N LYS A 173 -1.28 -11.80 -17.40
CA LYS A 173 -1.74 -11.99 -18.78
C LYS A 173 -0.57 -12.34 -19.70
N ALA A 174 0.49 -11.54 -19.63
CA ALA A 174 1.69 -11.73 -20.48
C ALA A 174 2.34 -13.10 -20.27
N CYS A 175 2.36 -13.56 -19.01
CA CYS A 175 2.88 -14.89 -18.66
C CYS A 175 2.06 -16.02 -19.32
N ARG A 176 0.74 -15.82 -19.36
CA ARG A 176 -0.18 -16.74 -20.04
C ARG A 176 -0.20 -16.63 -21.56
N ASN A 177 0.39 -15.55 -22.09
CA ASN A 177 0.28 -15.15 -23.48
C ASN A 177 -1.16 -14.74 -23.88
N ASP A 178 -1.91 -14.21 -22.91
CA ASP A 178 -3.26 -13.70 -23.16
C ASP A 178 -3.18 -12.23 -23.63
N PRO A 179 -4.00 -11.86 -24.64
CA PRO A 179 -3.83 -10.51 -25.25
C PRO A 179 -4.28 -9.38 -24.32
N PHE A 180 -3.65 -8.20 -24.40
CA PHE A 180 -4.10 -7.05 -23.61
C PHE A 180 -5.26 -6.42 -24.38
N THR A 181 -6.25 -5.88 -23.67
CA THR A 181 -7.35 -5.18 -24.33
C THR A 181 -6.90 -3.80 -24.73
N GLU A 182 -7.66 -3.15 -25.63
CA GLU A 182 -7.34 -1.79 -26.04
CA GLU A 182 -7.32 -1.80 -26.04
C GLU A 182 -7.41 -0.83 -24.86
N GLU A 183 -8.42 -0.99 -24.00
CA GLU A 183 -8.55 -0.10 -22.84
C GLU A 183 -7.33 -0.24 -21.90
N GLU A 184 -6.86 -1.46 -21.70
CA GLU A 184 -5.69 -1.70 -20.84
C GLU A 184 -4.46 -0.98 -21.42
N MET A 185 -4.27 -1.11 -22.73
CA MET A 185 -3.11 -0.51 -23.40
C MET A 185 -3.19 1.01 -23.34
N THR A 186 -4.42 1.53 -23.52
CA THR A 186 -4.67 2.97 -23.32
C THR A 186 -4.37 3.41 -21.90
N ALA A 187 -4.93 2.69 -20.91
CA ALA A 187 -4.67 3.03 -19.50
C ALA A 187 -3.18 3.04 -19.12
N MET A 188 -2.44 2.03 -19.58
CA MET A 188 -1.02 1.93 -19.35
C MET A 188 -0.20 3.03 -20.02
N ASN A 189 -0.84 3.82 -20.88
CA ASN A 189 -0.14 4.82 -21.68
C ASN A 189 -0.66 6.25 -21.55
N LEU A 190 -1.62 6.46 -20.66
CA LEU A 190 -2.11 7.82 -20.39
C LEU A 190 -0.96 8.71 -19.93
N ASP A 191 -0.95 9.96 -20.38
CA ASP A 191 0.03 10.90 -19.91
C ASP A 191 -0.26 11.20 -18.43
N ARG A 192 0.79 11.19 -17.61
CA ARG A 192 0.65 11.32 -16.16
C ARG A 192 0.68 12.79 -15.70
N LYS A 193 1.48 13.62 -16.36
CA LYS A 193 1.74 14.95 -15.81
C LYS A 193 0.50 15.83 -15.96
N THR A 194 -0.45 15.41 -16.79
CA THR A 194 -1.71 16.18 -16.91
C THR A 194 -2.97 15.49 -16.31
N ILE A 195 -2.80 14.31 -15.72
CA ILE A 195 -3.95 13.51 -15.29
C ILE A 195 -4.77 14.12 -14.11
N VAL A 196 -4.15 14.99 -13.32
CA VAL A 196 -4.88 15.78 -12.33
C VAL A 196 -4.89 17.24 -12.80
N PRO A 197 -6.07 17.70 -13.26
CA PRO A 197 -6.19 19.09 -13.70
C PRO A 197 -5.93 20.05 -12.54
N TYR A 198 -5.07 21.03 -12.77
CA TYR A 198 -4.69 21.96 -11.72
C TYR A 198 -5.78 22.99 -11.45
N LEU A 199 -5.77 23.56 -10.25
CA LEU A 199 -6.65 24.68 -9.93
C LEU A 199 -6.03 25.98 -10.43
N GLU A 200 -6.86 26.92 -10.87
CA GLU A 200 -6.35 28.19 -11.40
C GLU A 200 -6.03 29.15 -10.26
N ASN A 201 -4.94 29.91 -10.37
CA ASN A 201 -4.55 30.96 -9.40
C ASN A 201 -4.58 30.51 -7.96
N TYR A 202 -4.01 29.33 -7.69
CA TYR A 202 -4.15 28.72 -6.40
C TYR A 202 -2.90 29.01 -5.62
N THR A 203 -3.05 29.41 -4.38
CA THR A 203 -1.89 29.57 -3.52
C THR A 203 -1.91 28.44 -2.49
N ILE A 204 -2.74 28.59 -1.47
CA ILE A 204 -2.86 27.59 -0.42
C ILE A 204 -4.29 27.66 0.10
N GLY A 205 -4.89 26.50 0.32
CA GLY A 205 -6.28 26.44 0.76
C GLY A 205 -6.47 25.28 1.72
N PRO A 206 -7.72 25.01 2.14
CA PRO A 206 -7.98 23.90 3.05
C PRO A 206 -7.69 22.53 2.39
N GLU A 207 -7.57 22.48 1.06
CA GLU A 207 -7.27 21.23 0.33
C GLU A 207 -6.02 20.55 0.81
N VAL A 208 -5.05 21.35 1.25
CA VAL A 208 -3.78 20.83 1.72
C VAL A 208 -3.63 20.86 3.24
N ASP A 209 -4.74 21.02 3.96
CA ASP A 209 -4.72 20.80 5.41
C ASP A 209 -4.07 19.45 5.75
N HIS A 210 -3.22 19.41 6.79
CA HIS A 210 -2.55 18.18 7.27
C HIS A 210 -1.48 17.60 6.32
N GLN A 211 -1.09 18.38 5.30
CA GLN A 211 -0.17 17.87 4.22
C GLN A 211 1.09 18.75 4.03
N ILE A 212 1.21 19.82 4.80
CA ILE A 212 2.39 20.68 4.72
C ILE A 212 3.05 20.70 6.11
N VAL A 213 4.33 20.33 6.17
CA VAL A 213 5.05 20.26 7.45
C VAL A 213 5.26 21.71 7.91
N LYS A 214 4.99 21.94 9.19
CA LYS A 214 5.18 23.27 9.79
C LYS A 214 6.03 23.05 11.02
N ALA A 215 6.91 24.01 11.30
CA ALA A 215 7.91 23.95 12.36
C ALA A 215 7.28 23.81 13.76
N ASP A 216 6.10 24.38 13.97
CA ASP A 216 5.42 24.26 15.27
C ASP A 216 4.45 23.08 15.39
N VAL A 217 4.38 22.24 14.35
CA VAL A 217 3.48 21.11 14.38
C VAL A 217 4.27 19.81 14.22
N ALA A 218 4.18 18.97 15.24
CA ALA A 218 4.74 17.62 15.23
C ALA A 218 4.26 16.79 14.02
N GLY A 219 5.16 15.98 13.46
CA GLY A 219 4.83 14.99 12.41
C GLY A 219 5.73 15.06 11.17
N GLY A 220 5.54 14.12 10.25
CA GLY A 220 6.15 14.17 8.90
C GLY A 220 6.18 12.81 8.21
N ASP A 221 7.17 12.63 7.33
CA ASP A 221 7.42 11.33 6.67
C ASP A 221 7.76 10.23 7.66
N VAL A 227 11.45 4.54 19.62
CA VAL A 227 10.85 3.65 20.62
C VAL A 227 10.68 2.24 20.07
N SER A 228 10.71 1.25 20.97
CA SER A 228 10.65 -0.16 20.62
C SER A 228 9.25 -0.59 20.14
N ALA A 229 9.21 -1.18 18.94
CA ALA A 229 7.94 -1.44 18.23
C ALA A 229 8.04 -2.71 17.40
N SER A 230 6.90 -3.20 16.90
CA SER A 230 6.91 -4.39 16.06
C SER A 230 5.80 -4.38 15.00
N TRP A 231 5.85 -5.35 14.09
CA TRP A 231 4.78 -5.61 13.12
C TRP A 231 4.07 -6.91 13.48
N ALA A 232 2.76 -6.96 13.21
CA ALA A 232 2.02 -8.22 13.32
C ALA A 232 0.78 -8.21 12.40
N PHE A 233 0.50 -9.35 11.77
CA PHE A 233 -0.80 -9.59 11.15
C PHE A 233 -1.83 -10.00 12.21
N PHE A 234 -3.07 -9.56 11.99
CA PHE A 234 -4.25 -10.01 12.69
C PHE A 234 -5.28 -10.38 11.63
N THR A 235 -5.93 -11.51 11.78
CA THR A 235 -6.96 -11.90 10.81
C THR A 235 -8.36 -11.69 11.37
N PHE A 236 -9.29 -11.39 10.46
CA PHE A 236 -10.70 -11.11 10.77
C PHE A 236 -11.49 -11.98 9.83
N SER A 237 -12.16 -12.96 10.39
CA SER A 237 -12.94 -13.89 9.60
C SER A 237 -14.08 -13.14 8.89
N PRO A 238 -14.65 -13.73 7.82
CA PRO A 238 -15.81 -13.12 7.17
C PRO A 238 -16.96 -12.78 8.14
N LYS A 239 -17.20 -13.67 9.10
CA LYS A 239 -18.25 -13.45 10.11
C LYS A 239 -17.88 -12.34 11.07
N ALA A 240 -16.61 -12.27 11.48
CA ALA A 240 -16.15 -11.13 12.30
C ALA A 240 -16.36 -9.79 11.56
N MET A 241 -16.03 -9.77 10.28
CA MET A 241 -16.20 -8.59 9.42
C MET A 241 -17.66 -8.14 9.32
N SER A 242 -18.56 -9.08 9.07
CA SER A 242 -19.98 -8.74 8.92
C SER A 242 -20.57 -8.29 10.27
N GLU A 243 -20.09 -8.88 11.36
CA GLU A 243 -20.54 -8.48 12.73
C GLU A 243 -20.03 -7.09 13.10
N LEU A 244 -18.80 -6.75 12.72
CA LEU A 244 -18.33 -5.37 12.88
C LEU A 244 -19.13 -4.40 12.02
N LYS A 245 -19.40 -4.77 10.78
CA LYS A 245 -20.21 -3.89 9.93
C LYS A 245 -21.61 -3.71 10.51
N ASP A 246 -22.18 -4.81 10.99
CA ASP A 246 -23.53 -4.76 11.60
C ASP A 246 -23.51 -3.80 12.80
N ALA A 247 -22.49 -3.92 13.65
CA ALA A 247 -22.37 -3.10 14.89
C ALA A 247 -22.31 -1.62 14.56
N ALA A 248 -21.49 -1.30 13.55
CA ALA A 248 -21.40 0.05 13.00
C ALA A 248 -22.72 0.55 12.40
N THR A 249 -23.35 -0.25 11.53
CA THR A 249 -24.58 0.14 10.81
C THR A 249 -25.72 0.53 11.76
N LYS A 250 -25.81 -0.20 12.86
CA LYS A 250 -26.82 0.04 13.90
C LYS A 250 -26.60 1.35 14.68
N THR A 251 -25.39 1.94 14.58
CA THR A 251 -25.01 3.11 15.39
C THR A 251 -24.49 4.32 14.58
N LEU A 252 -24.99 4.48 13.36
CA LEU A 252 -24.51 5.53 12.47
C LEU A 252 -24.99 6.91 12.90
N ASP A 253 -24.19 7.92 12.57
CA ASP A 253 -24.61 9.31 12.68
C ASP A 253 -25.81 9.55 11.75
N ALA A 254 -26.67 10.51 12.10
CA ALA A 254 -27.84 10.82 11.27
C ALA A 254 -27.43 11.30 9.87
N SER A 255 -26.22 11.86 9.76
CA SER A 255 -25.75 12.42 8.50
C SER A 255 -25.30 11.32 7.52
N THR A 256 -25.22 10.08 8.02
CA THR A 256 -24.50 9.02 7.34
C THR A 256 -25.49 7.91 6.97
N LYS A 257 -25.79 7.74 5.68
CA LYS A 257 -26.76 6.70 5.23
C LYS A 257 -26.26 5.27 5.39
N PHE A 258 -24.97 5.05 5.14
CA PHE A 258 -24.40 3.70 5.20
C PHE A 258 -22.90 3.83 5.38
N VAL A 259 -22.30 2.75 5.86
CA VAL A 259 -20.85 2.64 5.90
C VAL A 259 -20.48 1.31 5.23
N SER A 260 -19.20 1.11 4.97
CA SER A 260 -18.71 -0.13 4.36
C SER A 260 -18.06 -1.06 5.37
N THR A 261 -17.84 -2.28 4.94
CA THR A 261 -17.03 -3.23 5.67
C THR A 261 -15.66 -2.66 6.02
N ASP A 262 -15.01 -2.07 5.03
CA ASP A 262 -13.70 -1.45 5.22
C ASP A 262 -13.77 -0.28 6.25
N ASP A 263 -14.79 0.57 6.15
CA ASP A 263 -15.02 1.61 7.15
C ASP A 263 -15.07 1.02 8.57
N ALA A 264 -15.85 -0.05 8.76
CA ALA A 264 -16.13 -0.62 10.10
C ALA A 264 -14.86 -1.21 10.73
N LEU A 265 -14.06 -1.91 9.94
CA LEU A 265 -12.77 -2.39 10.44
C LEU A 265 -11.79 -1.25 10.74
N SER A 266 -11.70 -0.28 9.82
CA SER A 266 -10.85 0.90 10.05
C SER A 266 -11.27 1.60 11.35
N ALA A 267 -12.58 1.74 11.55
CA ALA A 267 -13.09 2.39 12.77
C ALA A 267 -12.77 1.58 14.04
N PHE A 268 -12.89 0.26 13.93
CA PHE A 268 -12.70 -0.63 15.04
C PHE A 268 -11.22 -0.61 15.49
N ILE A 269 -10.31 -0.49 14.52
CA ILE A 269 -8.89 -0.38 14.82
C ILE A 269 -8.57 0.94 15.53
N TRP A 270 -9.12 2.05 15.03
CA TRP A 270 -8.88 3.37 15.63
C TRP A 270 -9.38 3.38 17.08
N LYS A 271 -10.58 2.84 17.27
CA LYS A 271 -11.18 2.71 18.60
C LYS A 271 -10.35 1.82 19.53
N SER A 272 -9.94 0.65 19.03
CA SER A 272 -9.15 -0.30 19.83
C SER A 272 -7.76 0.25 20.19
N ALA A 273 -7.08 0.91 19.23
CA ALA A 273 -5.80 1.56 19.51
C ALA A 273 -5.98 2.65 20.55
N SER A 274 -7.01 3.49 20.35
CA SER A 274 -7.28 4.60 21.23
C SER A 274 -7.57 4.08 22.65
N ARG A 275 -8.35 2.99 22.74
CA ARG A 275 -8.68 2.35 24.03
C ARG A 275 -7.44 1.89 24.80
N VAL A 276 -6.54 1.14 24.15
CA VAL A 276 -5.33 0.65 24.85
C VAL A 276 -4.36 1.76 25.16
N ARG A 277 -4.34 2.79 24.29
CA ARG A 277 -3.50 3.95 24.50
C ARG A 277 -3.88 4.74 25.77
N LEU A 278 -5.14 4.61 26.22
CA LEU A 278 -5.59 5.27 27.46
C LEU A 278 -4.77 4.83 28.67
N GLU A 279 -4.22 3.62 28.59
CA GLU A 279 -3.33 3.08 29.62
C GLU A 279 -1.99 3.83 29.72
N ARG A 280 -1.68 4.69 28.75
CA ARG A 280 -0.40 5.42 28.79
C ARG A 280 -0.50 6.91 28.50
N ILE A 281 -1.65 7.39 28.06
CA ILE A 281 -1.86 8.83 27.88
C ILE A 281 -3.28 9.22 28.27
N ASP A 282 -3.51 10.48 28.43
CA ASP A 282 -4.88 10.93 28.85
CA ASP A 282 -4.81 10.97 28.77
C ASP A 282 -5.83 10.96 27.67
N GLY A 283 -7.08 10.82 28.03
CA GLY A 283 -8.15 10.74 27.02
C GLY A 283 -8.29 12.01 26.22
N SER A 284 -7.75 13.11 26.76
CA SER A 284 -7.77 14.41 26.09
C SER A 284 -6.71 14.58 24.98
N ALA A 285 -5.80 13.61 24.89
CA ALA A 285 -4.76 13.62 23.87
C ALA A 285 -5.41 13.61 22.46
N PRO A 286 -4.99 14.53 21.57
CA PRO A 286 -5.54 14.50 20.21
C PRO A 286 -5.14 13.23 19.51
N THR A 287 -5.99 12.77 18.60
CA THR A 287 -5.69 11.62 17.78
C THR A 287 -6.17 11.91 16.36
N GLU A 288 -5.29 11.62 15.38
CA GLU A 288 -5.62 11.79 13.95
C GLU A 288 -5.61 10.44 13.22
N PHE A 289 -6.69 10.15 12.51
CA PHE A 289 -6.71 8.98 11.61
C PHE A 289 -6.39 9.52 10.22
N CYS A 290 -5.39 8.91 9.58
CA CYS A 290 -5.04 9.25 8.21
C CYS A 290 -5.36 8.03 7.36
N ARG A 291 -6.28 8.19 6.43
CA ARG A 291 -6.72 7.04 5.65
C ARG A 291 -6.38 7.19 4.16
N ALA A 292 -5.67 6.21 3.61
CA ALA A 292 -5.33 6.22 2.18
C ALA A 292 -6.58 5.97 1.34
N VAL A 293 -6.71 6.78 0.30
CA VAL A 293 -7.82 6.69 -0.63
C VAL A 293 -7.30 6.70 -2.08
N ASP A 294 -7.74 5.73 -2.87
CA ASP A 294 -7.56 5.76 -4.33
C ASP A 294 -8.36 6.92 -4.91
N ALA A 295 -7.67 7.85 -5.59
CA ALA A 295 -8.30 9.01 -6.20
C ALA A 295 -8.74 8.80 -7.64
N ARG A 296 -8.49 7.61 -8.21
CA ARG A 296 -8.94 7.37 -9.58
C ARG A 296 -10.45 7.59 -9.80
N PRO A 297 -11.30 7.01 -8.94
CA PRO A 297 -12.74 7.19 -9.21
C PRO A 297 -13.21 8.65 -9.20
N ALA A 298 -12.80 9.44 -8.20
CA ALA A 298 -13.14 10.87 -8.09
C ALA A 298 -12.60 11.66 -9.27
N MET A 299 -11.45 11.23 -9.81
CA MET A 299 -10.80 11.92 -10.94
C MET A 299 -11.34 11.42 -12.29
N GLY A 300 -12.16 10.38 -12.26
CA GLY A 300 -12.68 9.77 -13.51
C GLY A 300 -11.62 9.00 -14.30
N VAL A 301 -10.65 8.44 -13.58
CA VAL A 301 -9.55 7.75 -14.23
C VAL A 301 -9.82 6.24 -14.13
N SER A 302 -9.46 5.49 -15.19
CA SER A 302 -9.58 4.02 -15.22
C SER A 302 -8.90 3.36 -14.04
N ASN A 303 -9.52 2.30 -13.52
CA ASN A 303 -8.90 1.47 -12.49
C ASN A 303 -7.59 0.81 -12.99
N ASN A 304 -7.40 0.79 -14.32
CA ASN A 304 -6.19 0.23 -14.91
C ASN A 304 -5.05 1.22 -15.09
N TYR A 305 -5.27 2.47 -14.67
CA TYR A 305 -4.18 3.45 -14.69
C TYR A 305 -3.10 3.03 -13.70
N PRO A 306 -1.86 2.80 -14.19
CA PRO A 306 -0.80 2.21 -13.38
C PRO A 306 0.02 3.16 -12.51
N GLY A 307 -0.33 4.44 -12.48
CA GLY A 307 0.49 5.44 -11.82
C GLY A 307 0.22 5.56 -10.34
N LEU A 308 0.40 6.78 -9.86
CA LEU A 308 0.17 7.15 -8.46
C LEU A 308 -0.91 8.22 -8.45
N LEU A 309 -2.08 7.84 -7.95
CA LEU A 309 -3.23 8.73 -7.94
C LEU A 309 -3.98 8.39 -6.68
N GLN A 310 -3.51 8.97 -5.58
CA GLN A 310 -3.93 8.60 -4.23
C GLN A 310 -3.94 9.87 -3.40
N ASN A 311 -4.71 9.86 -2.32
CA ASN A 311 -4.64 10.94 -1.35
C ASN A 311 -4.96 10.29 -0.01
N MET A 312 -5.17 11.09 1.02
CA MET A 312 -5.63 10.60 2.29
C MET A 312 -6.87 11.42 2.72
N THR A 313 -7.67 10.85 3.63
CA THR A 313 -8.67 11.62 4.38
C THR A 313 -8.16 11.69 5.82
N TYR A 314 -8.49 12.78 6.51
CA TYR A 314 -7.95 13.09 7.85
C TYR A 314 -9.13 13.29 8.78
N HIS A 315 -8.99 12.77 9.99
CA HIS A 315 -10.07 12.65 10.96
C HIS A 315 -9.47 12.95 12.32
N ASN A 316 -9.87 14.07 12.91
CA ASN A 316 -9.24 14.54 14.15
C ASN A 316 -10.23 14.55 15.32
N SER A 317 -9.79 14.01 16.44
CA SER A 317 -10.62 13.85 17.62
C SER A 317 -9.69 13.71 18.82
N THR A 318 -10.19 13.09 19.89
CA THR A 318 -9.33 12.81 21.03
C THR A 318 -9.37 11.34 21.32
N ILE A 319 -8.33 10.85 21.97
CA ILE A 319 -8.22 9.44 22.29
C ILE A 319 -9.45 8.92 23.07
N GLY A 320 -9.88 9.70 24.07
CA GLY A 320 -11.03 9.31 24.91
C GLY A 320 -12.36 9.33 24.15
N GLU A 321 -12.56 10.32 23.28
CA GLU A 321 -13.80 10.38 22.47
C GLU A 321 -13.90 9.19 21.50
N ILE A 322 -12.80 8.90 20.80
CA ILE A 322 -12.75 7.75 19.90
C ILE A 322 -12.94 6.41 20.62
N ALA A 323 -12.28 6.24 21.78
CA ALA A 323 -12.42 4.98 22.54
C ALA A 323 -13.88 4.80 22.98
N ASN A 324 -14.48 5.90 23.45
CA ASN A 324 -15.76 5.78 24.16
C ASN A 324 -17.03 5.86 23.30
N GLU A 325 -16.92 6.46 22.11
CA GLU A 325 -18.07 6.59 21.24
C GLU A 325 -18.42 5.25 20.57
N SER A 326 -19.63 5.13 20.02
CA SER A 326 -20.03 3.88 19.36
C SER A 326 -19.16 3.60 18.12
N LEU A 327 -19.17 2.35 17.68
CA LEU A 327 -18.48 1.98 16.43
C LEU A 327 -19.02 2.72 15.19
N GLY A 328 -20.35 2.86 15.10
CA GLY A 328 -20.97 3.66 14.04
C GLY A 328 -20.62 5.14 14.09
N ALA A 329 -20.49 5.71 15.30
CA ALA A 329 -20.00 7.10 15.35
C ALA A 329 -18.62 7.21 14.70
N THR A 330 -17.73 6.26 15.01
CA THR A 330 -16.35 6.30 14.45
C THR A 330 -16.37 6.01 12.94
N ALA A 331 -17.14 5.01 12.51
CA ALA A 331 -17.23 4.70 11.07
C ALA A 331 -17.80 5.86 10.28
N SER A 332 -18.77 6.57 10.88
CA SER A 332 -19.36 7.74 10.26
C SER A 332 -18.33 8.84 9.99
N ARG A 333 -17.37 9.05 10.91
CA ARG A 333 -16.30 10.04 10.67
C ARG A 333 -15.55 9.70 9.37
N LEU A 334 -15.21 8.42 9.21
CA LEU A 334 -14.44 7.96 8.05
C LEU A 334 -15.20 8.19 6.75
N ARG A 335 -16.44 7.68 6.70
CA ARG A 335 -17.29 7.71 5.50
C ARG A 335 -17.62 9.17 5.10
N SER A 336 -17.73 10.05 6.10
CA SER A 336 -18.04 11.48 5.84
C SER A 336 -17.05 12.21 4.91
N GLU A 337 -15.81 11.71 4.80
CA GLU A 337 -14.79 12.33 3.96
C GLU A 337 -14.65 11.71 2.58
N LEU A 338 -15.53 10.79 2.22
CA LEU A 338 -15.40 10.04 0.97
C LEU A 338 -16.30 10.54 -0.16
N ASP A 339 -16.88 11.74 -0.04
CA ASP A 339 -17.63 12.32 -1.15
C ASP A 339 -16.69 12.56 -2.36
N PRO A 340 -17.04 11.99 -3.54
CA PRO A 340 -16.18 12.14 -4.74
C PRO A 340 -15.82 13.59 -5.10
N ALA A 341 -16.79 14.50 -5.05
CA ALA A 341 -16.48 15.90 -5.36
C ALA A 341 -15.44 16.49 -4.39
N SER A 342 -15.55 16.13 -3.11
CA SER A 342 -14.58 16.57 -2.12
CA SER A 342 -14.59 16.57 -2.10
C SER A 342 -13.19 15.98 -2.33
N MET A 343 -13.12 14.69 -2.52
CA MET A 343 -11.87 14.00 -2.88
CA MET A 343 -11.92 13.99 -2.94
C MET A 343 -11.22 14.60 -4.11
N ARG A 344 -12.01 14.92 -5.10
CA ARG A 344 -11.52 15.50 -6.34
C ARG A 344 -10.92 16.90 -6.08
N GLN A 345 -11.66 17.77 -5.40
CA GLN A 345 -11.16 19.13 -5.15
C GLN A 345 -9.89 19.11 -4.30
N ARG A 346 -9.88 18.28 -3.26
CA ARG A 346 -8.74 18.15 -2.36
C ARG A 346 -7.50 17.65 -3.11
N THR A 347 -7.70 16.65 -3.96
CA THR A 347 -6.59 16.06 -4.71
C THR A 347 -6.03 17.00 -5.75
N ARG A 348 -6.93 17.74 -6.41
CA ARG A 348 -6.50 18.80 -7.33
C ARG A 348 -5.68 19.87 -6.60
N GLY A 349 -6.11 20.26 -5.40
CA GLY A 349 -5.42 21.23 -4.61
C GLY A 349 -4.02 20.81 -4.20
N LEU A 350 -3.88 19.58 -3.70
CA LEU A 350 -2.56 19.01 -3.40
C LEU A 350 -1.63 18.98 -4.64
N ALA A 351 -2.14 18.47 -5.77
CA ALA A 351 -1.37 18.43 -7.00
C ALA A 351 -0.97 19.83 -7.44
N THR A 352 -1.89 20.78 -7.34
CA THR A 352 -1.60 22.18 -7.73
C THR A 352 -0.55 22.83 -6.82
N TYR A 353 -0.70 22.66 -5.51
CA TYR A 353 0.34 23.11 -4.58
C TYR A 353 1.73 22.54 -4.96
N LEU A 354 1.81 21.22 -5.13
CA LEU A 354 3.07 20.57 -5.54
C LEU A 354 3.62 21.15 -6.86
N HIS A 355 2.74 21.26 -7.85
CA HIS A 355 3.12 21.81 -9.15
C HIS A 355 3.76 23.21 -9.02
N ASN A 356 3.17 24.04 -8.17
CA ASN A 356 3.56 25.44 -8.03
C ASN A 356 4.82 25.62 -7.21
N ASN A 357 5.28 24.54 -6.58
CA ASN A 357 6.40 24.65 -5.65
C ASN A 357 7.59 23.80 -6.08
N PRO A 358 8.65 24.44 -6.59
CA PRO A 358 9.86 23.71 -6.96
C PRO A 358 10.45 22.98 -5.78
N ASP A 359 10.28 23.50 -4.56
CA ASP A 359 10.77 22.82 -3.36
C ASP A 359 9.61 22.07 -2.73
N LYS A 360 9.58 20.76 -2.98
CA LYS A 360 8.48 19.94 -2.46
C LYS A 360 8.86 19.27 -1.15
N SER A 361 9.95 19.70 -0.52
CA SER A 361 10.43 19.00 0.67
C SER A 361 9.47 19.08 1.88
N ASN A 362 8.57 20.05 1.91
CA ASN A 362 7.67 20.23 3.07
C ASN A 362 6.32 19.49 2.95
N VAL A 363 6.10 18.83 1.80
CA VAL A 363 4.80 18.21 1.57
C VAL A 363 4.86 16.74 1.97
N SER A 364 3.86 16.32 2.74
CA SER A 364 3.79 14.95 3.21
C SER A 364 2.35 14.60 3.50
N LEU A 365 1.96 13.39 3.11
CA LEU A 365 0.62 12.88 3.39
C LEU A 365 0.40 12.64 4.88
N THR A 366 1.50 12.62 5.64
CA THR A 366 1.41 12.43 7.09
C THR A 366 2.11 13.57 7.85
N ALA A 367 2.02 14.77 7.28
CA ALA A 367 2.73 15.96 7.78
C ALA A 367 2.46 16.31 9.25
N ASP A 368 1.23 16.11 9.72
CA ASP A 368 0.96 16.41 11.12
C ASP A 368 0.53 15.19 11.96
N ALA A 369 0.81 13.99 11.46
CA ALA A 369 0.47 12.77 12.18
C ALA A 369 1.53 12.47 13.23
N ASP A 370 1.15 12.57 14.50
CA ASP A 370 1.99 12.15 15.60
C ASP A 370 1.97 10.63 15.74
N PRO A 371 3.14 9.95 15.62
CA PRO A 371 3.10 8.50 15.70
C PRO A 371 2.60 7.91 17.00
N SER A 372 2.77 8.63 18.11
CA SER A 372 2.27 8.19 19.41
C SER A 372 0.75 7.97 19.43
N THR A 373 0.01 8.84 18.74
CA THR A 373 -1.45 8.86 18.90
C THR A 373 -2.28 8.71 17.61
N SER A 374 -1.59 8.68 16.48
CA SER A 374 -2.22 8.62 15.16
C SER A 374 -2.46 7.19 14.72
N VAL A 375 -3.20 7.06 13.62
CA VAL A 375 -3.26 5.82 12.85
C VAL A 375 -3.08 6.23 11.40
N MET A 376 -2.11 5.62 10.72
CA MET A 376 -1.89 5.89 9.30
C MET A 376 -2.15 4.59 8.57
N LEU A 377 -3.36 4.44 8.05
CA LEU A 377 -3.84 3.17 7.48
C LEU A 377 -3.99 3.25 5.97
N SER A 378 -3.41 2.24 5.29
CA SER A 378 -3.56 2.07 3.85
CA SER A 378 -3.54 2.05 3.85
C SER A 378 -4.20 0.70 3.54
N SER A 379 -5.44 0.74 3.06
CA SER A 379 -6.17 -0.49 2.72
C SER A 379 -5.84 -0.97 1.32
N TRP A 380 -5.35 -2.19 1.20
CA TRP A 380 -5.17 -2.80 -0.14
C TRP A 380 -6.29 -3.80 -0.41
N ALA A 381 -7.35 -3.74 0.39
CA ALA A 381 -8.37 -4.80 0.43
C ALA A 381 -8.98 -5.04 -0.95
N LYS A 382 -9.20 -3.97 -1.71
CA LYS A 382 -9.92 -4.03 -3.02
C LYS A 382 -9.07 -4.44 -4.23
N VAL A 383 -7.75 -4.60 -4.05
CA VAL A 383 -6.93 -4.98 -5.20
C VAL A 383 -7.07 -6.47 -5.55
N GLY A 384 -6.67 -6.84 -6.78
CA GLY A 384 -7.09 -8.13 -7.36
C GLY A 384 -6.12 -9.28 -7.31
N LEU A 385 -5.09 -9.16 -6.47
CA LEU A 385 -3.94 -10.11 -6.49
C LEU A 385 -4.27 -11.57 -6.22
N TRP A 386 -5.34 -11.84 -5.46
CA TRP A 386 -5.78 -13.22 -5.21
C TRP A 386 -6.17 -13.98 -6.48
N ASP A 387 -6.42 -13.26 -7.57
CA ASP A 387 -6.91 -13.92 -8.78
C ASP A 387 -5.82 -14.31 -9.79
N TYR A 388 -4.56 -13.94 -9.57
CA TYR A 388 -3.55 -14.11 -10.65
C TYR A 388 -2.76 -15.41 -10.51
N ASP A 389 -2.63 -16.12 -11.64
CA ASP A 389 -1.93 -17.41 -11.62
C ASP A 389 -0.64 -17.39 -12.46
N PHE A 390 -0.41 -16.33 -13.24
CA PHE A 390 0.82 -16.16 -14.03
C PHE A 390 1.16 -17.31 -14.98
N GLY A 391 0.14 -18.07 -15.37
CA GLY A 391 0.35 -19.22 -16.27
C GLY A 391 1.25 -20.31 -15.69
N LEU A 392 1.39 -20.34 -14.36
CA LEU A 392 2.36 -21.25 -13.72
C LEU A 392 1.84 -22.67 -13.46
N GLY A 393 0.53 -22.86 -13.58
CA GLY A 393 -0.12 -24.14 -13.37
C GLY A 393 -0.19 -24.53 -11.90
N LEU A 394 -0.10 -23.55 -11.01
CA LEU A 394 -0.06 -23.85 -9.57
C LEU A 394 -1.39 -23.50 -8.89
N GLY A 395 -2.32 -22.91 -9.64
CA GLY A 395 -3.57 -22.44 -9.05
C GLY A 395 -3.45 -20.99 -8.62
N LYS A 396 -4.42 -20.53 -7.82
CA LYS A 396 -4.42 -19.18 -7.29
C LYS A 396 -3.49 -19.14 -6.07
N PRO A 397 -3.03 -17.93 -5.70
CA PRO A 397 -2.24 -17.74 -4.48
C PRO A 397 -2.94 -18.37 -3.28
N GLU A 398 -2.16 -19.02 -2.43
CA GLU A 398 -2.65 -19.57 -1.18
C GLU A 398 -2.81 -18.47 -0.13
N THR A 399 -1.93 -17.46 -0.20
CA THR A 399 -2.07 -16.22 0.56
C THR A 399 -1.36 -15.09 -0.18
N VAL A 400 -1.68 -13.86 0.21
CA VAL A 400 -1.12 -12.63 -0.35
C VAL A 400 -0.81 -11.72 0.81
N ARG A 401 0.48 -11.56 1.11
CA ARG A 401 0.92 -10.90 2.36
C ARG A 401 2.02 -9.89 2.08
N ARG A 402 2.02 -8.78 2.83
CA ARG A 402 3.09 -7.81 2.74
C ARG A 402 4.30 -8.31 3.54
N PRO A 403 5.51 -8.27 2.95
CA PRO A 403 6.71 -8.54 3.76
C PRO A 403 6.85 -7.63 4.98
N ILE A 404 7.41 -8.20 6.03
CA ILE A 404 7.84 -7.44 7.21
C ILE A 404 9.06 -6.58 6.84
N PHE A 405 9.11 -5.40 7.43
CA PHE A 405 10.26 -4.51 7.33
C PHE A 405 10.41 -3.83 8.68
N GLU A 406 11.16 -2.73 8.74
CA GLU A 406 11.35 -2.03 10.02
C GLU A 406 9.99 -1.56 10.56
N PRO A 407 9.78 -1.67 11.89
CA PRO A 407 8.55 -1.10 12.45
C PRO A 407 8.47 0.38 12.17
N VAL A 408 7.27 0.84 11.85
CA VAL A 408 6.97 2.24 11.68
C VAL A 408 5.71 2.52 12.54
N GLU A 409 5.89 3.11 13.73
CA GLU A 409 4.77 3.19 14.69
C GLU A 409 3.54 3.78 14.07
N SER A 410 2.41 3.09 14.23
CA SER A 410 1.08 3.56 13.81
C SER A 410 0.80 3.38 12.31
N LEU A 411 1.79 2.85 11.59
CA LEU A 411 1.57 2.48 10.18
C LEU A 411 0.81 1.16 10.13
N MET A 412 -0.18 1.08 9.24
CA MET A 412 -1.04 -0.09 9.18
C MET A 412 -1.49 -0.38 7.74
N TYR A 413 -1.71 -1.66 7.42
CA TYR A 413 -2.25 -2.04 6.08
C TYR A 413 -3.40 -3.03 6.22
N PHE A 414 -4.35 -3.00 5.26
CA PHE A 414 -5.19 -4.18 5.02
C PHE A 414 -4.63 -4.89 3.78
N MET A 415 -4.53 -6.21 3.87
CA MET A 415 -4.12 -6.99 2.71
C MET A 415 -5.27 -7.04 1.69
N PRO A 416 -4.95 -7.40 0.43
CA PRO A 416 -6.01 -7.76 -0.50
C PRO A 416 -6.92 -8.77 0.21
N LYS A 417 -8.21 -8.50 0.14
CA LYS A 417 -9.23 -9.28 0.84
C LYS A 417 -9.24 -10.66 0.21
N LYS A 418 -9.23 -11.69 1.05
CA LYS A 418 -9.36 -13.05 0.55
C LYS A 418 -10.73 -13.20 -0.11
N PRO A 419 -10.84 -14.01 -1.19
CA PRO A 419 -12.16 -14.14 -1.85
C PRO A 419 -13.37 -14.50 -0.95
N ASP A 420 -13.17 -15.32 0.08
CA ASP A 420 -14.25 -15.62 1.04
C ASP A 420 -14.64 -14.43 1.95
N GLY A 421 -13.85 -13.34 1.90
CA GLY A 421 -14.13 -12.16 2.70
C GLY A 421 -13.24 -11.98 3.93
N GLU A 422 -12.31 -12.90 4.18
CA GLU A 422 -11.35 -12.71 5.28
C GLU A 422 -10.43 -11.49 5.08
N PHE A 423 -10.29 -10.68 6.15
CA PHE A 423 -9.38 -9.55 6.16
C PHE A 423 -8.14 -9.90 6.94
N CYS A 424 -7.02 -9.30 6.54
CA CYS A 424 -5.78 -9.42 7.29
C CYS A 424 -5.22 -8.03 7.45
N ALA A 425 -5.10 -7.59 8.69
CA ALA A 425 -4.58 -6.25 8.98
C ALA A 425 -3.16 -6.38 9.51
N ALA A 426 -2.21 -5.64 8.89
CA ALA A 426 -0.83 -5.52 9.42
C ALA A 426 -0.76 -4.26 10.27
N LEU A 427 -0.45 -4.42 11.55
CA LEU A 427 -0.32 -3.25 12.45
C LEU A 427 1.10 -3.12 12.93
N SER A 428 1.60 -1.90 12.95
CA SER A 428 2.88 -1.62 13.59
C SER A 428 2.63 -0.67 14.75
N LEU A 429 2.97 -1.13 15.96
CA LEU A 429 2.72 -0.39 17.18
C LEU A 429 3.90 -0.50 18.11
N ARG A 430 4.05 0.49 19.00
CA ARG A 430 5.00 0.35 20.10
C ARG A 430 4.63 -0.84 20.99
N ASP A 431 5.63 -1.52 21.55
CA ASP A 431 5.44 -2.78 22.28
C ASP A 431 4.33 -2.71 23.34
N GLU A 432 4.26 -1.62 24.09
CA GLU A 432 3.25 -1.58 25.16
C GLU A 432 1.81 -1.52 24.61
N ASP A 433 1.62 -0.80 23.51
CA ASP A 433 0.36 -0.83 22.76
C ASP A 433 0.08 -2.21 22.18
N MET A 434 1.04 -2.78 21.45
CA MET A 434 0.85 -4.12 20.85
C MET A 434 0.50 -5.17 21.90
N ASP A 435 1.23 -5.15 23.02
CA ASP A 435 1.00 -6.11 24.12
C ASP A 435 -0.40 -6.01 24.73
N ARG A 436 -0.84 -4.78 25.03
CA ARG A 436 -2.18 -4.53 25.58
C ARG A 436 -3.28 -4.90 24.58
N LEU A 437 -3.04 -4.57 23.31
CA LEU A 437 -4.00 -4.88 22.26
C LEU A 437 -4.26 -6.38 22.20
N LYS A 438 -3.16 -7.15 22.16
CA LYS A 438 -3.23 -8.59 22.06
C LYS A 438 -3.94 -9.24 23.25
N ALA A 439 -3.88 -8.58 24.41
CA ALA A 439 -4.55 -9.09 25.62
C ALA A 439 -5.94 -8.47 25.80
N ASP A 440 -6.29 -7.50 24.96
CA ASP A 440 -7.56 -6.77 25.09
C ASP A 440 -8.78 -7.56 24.59
N LYS A 441 -9.71 -7.79 25.52
CA LYS A 441 -10.89 -8.62 25.27
C LYS A 441 -11.82 -8.16 24.14
N GLU A 442 -11.99 -6.86 23.99
CA GLU A 442 -12.90 -6.35 22.98
C GLU A 442 -12.26 -6.52 21.58
N TRP A 443 -10.94 -6.39 21.53
CA TRP A 443 -10.13 -6.63 20.33
C TRP A 443 -10.16 -8.10 19.89
N THR A 444 -9.77 -8.98 20.80
CA THR A 444 -9.64 -10.42 20.49
C THR A 444 -10.96 -11.11 20.24
N LYS A 445 -12.06 -10.49 20.67
CA LYS A 445 -13.39 -10.91 20.25
C LYS A 445 -13.50 -11.03 18.72
N TYR A 446 -12.81 -10.14 18.00
CA TYR A 446 -12.84 -10.13 16.52
C TYR A 446 -11.49 -10.49 15.82
N ALA A 447 -10.39 -10.14 16.46
CA ALA A 447 -9.07 -10.17 15.84
C ALA A 447 -8.30 -11.38 16.31
N GLN A 448 -7.85 -12.20 15.37
CA GLN A 448 -6.99 -13.36 15.68
C GLN A 448 -5.57 -12.93 15.42
N TYR A 449 -4.74 -12.92 16.46
CA TYR A 449 -3.34 -12.59 16.30
C TYR A 449 -2.63 -13.66 15.47
N VAL A 450 -1.86 -13.20 14.47
CA VAL A 450 -1.05 -14.12 13.66
C VAL A 450 0.43 -13.87 13.87
N GLY A 451 0.83 -12.61 13.81
CA GLY A 451 2.23 -12.22 13.95
C GLY A 451 2.93 -11.95 12.63
#